data_8EFC
#
_entry.id   8EFC
#
_cell.length_a   1.00
_cell.length_b   1.00
_cell.length_c   1.00
_cell.angle_alpha   90.00
_cell.angle_beta   90.00
_cell.angle_gamma   90.00
#
_symmetry.space_group_name_H-M   'P 1'
#
loop_
_entity.id
_entity.type
_entity.pdbx_description
1 polymer 'DNA polymerase theta'
2 polymer "DNA (5'-D(*AP*GP*CP*TP*CP*TP*AP*CP*GP*GP*AP*TP*GP*CP*CP*TP*CP*AP*CP*AP*G)-3')"
3 polymer "DNA (5'-D(*AP*CP*TP*GP*TP*GP*AP*GP*GP*CP*AP*TP*CP*CP*GP*TP*AP*GP*(2DA))-3')"
4 non-polymer "2'-DEOXYGUANOSINE-5'-TRIPHOSPHATE"
5 non-polymer 'MAGNESIUM ION'
#
loop_
_entity_poly.entity_id
_entity_poly.type
_entity_poly.pdbx_seq_one_letter_code
_entity_poly.pdbx_strand_id
1 'polypeptide(L)'
;MGHHHHHHPSGVKTENNDHINLKVAGQDGSVVQFKIKRHTPLSKLMKAYCERQGLSMRQIRFRFDGQPINETDTPAQLEM
EDEDTIDVFQQQTGGCMDPPSDAESPVTDDGFTLQLSQDASLCPSNSGTFSIIDVASDRRLFNTFIKEWKTKERYSLALA
CEKREHIQQPEGEIGGKHKRAPAARQKLNRTDGFPVRDSDGLVLIGLSVCWGARDSYYISLQQEQSKGLSSSLAPPPLDD
DLPVSERLGQVRSCLSRPSAGLRGGVVVTYDIIQVYKTLVLSCGISLAGNCEDPKVACWLLDPGSEERTLPNMVTVYCPE
ELPLLDGLGSAHAHCPRVRAATKSVLVHAVMNHLTGLLEKDSMLDLFRSIEMPSQVCLALLELNGVGFSVEECERQKHVM
QAKLTALESQAYNLAGHSFSLTSIDDIAQVLFLELHLPPNGDVGGSKSKKTLGYTRRGGGRVRLGKQFSTTKDILEKLRP
LHPLPGVILEWRRITNALTKVVFPLQREKQYHPTLAMDRIYPIAQTHTATGRVSFTEPNIQNVPKDFEICMPTVVGESPP
SQNGCQMTTKPGKNRRSVAPSVTGGAAEQGPAFSVSMRHAFVPFSGGMILAADYSQLELRVLAHLSKDQRLLQVLNGGAD
VFRCIAAEWKGVDPETVNDSLRQQAKQICYGIIYGMGAKSLGEQMGVEENDAACYIESFKARYKGINAFLKETVKNCIKN
GYVQTLMGRRRYLPGISNTNTHIKAHAERQAVNTTVQGSAADIVKLATVNIQKRLRKTYPTAPLSHQHTHSGTSQYRAGT
SHLRGAFFVLQLHDELIYETREEDLIQVAQIVKREMESAVKLYVKLKAKVKVGPSWGNLQDLDL
;
A
2 'polydeoxyribonucleotide'
;(DG)(DC)(DA)(DG)(DT)(DC)(DA)(DG)(DC)(DT)(DC)(DT)(DA)(DC)(DG)(DG)(DA)(DT)(DG)(DC)
(DC)(DT)(DC)(DA)(DC)(DA)(DG)
;
E
3 'polydeoxyribonucleotide'
;(DT)(DG)(DA)(DC)(DT)(DG)(DT)(DG)(DA)(DG)(DG)(DC)(DA)(DT)(DC)(DC)(DG)(DT)(DA)(DG)
(2DA)
;
F
#
loop_
_chem_comp.id
_chem_comp.type
_chem_comp.name
_chem_comp.formula
2DA DNA linking 2',3'-DIDEOXYADENOSINE-5'-MONOPHOSPHATE 'C10 H14 N5 O5 P'
DA DNA linking 2'-DEOXYADENOSINE-5'-MONOPHOSPHATE 'C10 H14 N5 O6 P'
DC DNA linking 2'-DEOXYCYTIDINE-5'-MONOPHOSPHATE 'C9 H14 N3 O7 P'
DG DNA linking 2'-DEOXYGUANOSINE-5'-MONOPHOSPHATE 'C10 H14 N5 O7 P'
DGT non-polymer 2'-DEOXYGUANOSINE-5'-TRIPHOSPHATE 'C10 H16 N5 O13 P3'
DT DNA linking THYMIDINE-5'-MONOPHOSPHATE 'C10 H15 N2 O8 P'
MG non-polymer 'MAGNESIUM ION' 'Mg 2'
#
# COMPACT_ATOMS: atom_id res chain seq x y z
N THR A 129 -23.72 4.79 -33.29
CA THR A 129 -24.64 5.21 -32.25
C THR A 129 -23.90 6.00 -31.17
N PHE A 130 -22.64 6.34 -31.44
CA PHE A 130 -21.81 7.07 -30.50
C PHE A 130 -22.32 8.50 -30.40
N SER A 131 -22.98 8.83 -29.29
CA SER A 131 -23.60 10.13 -29.09
C SER A 131 -22.90 10.88 -27.97
N ILE A 132 -22.77 12.19 -28.16
CA ILE A 132 -22.06 13.05 -27.21
C ILE A 132 -22.98 14.21 -26.81
N ILE A 133 -24.29 13.95 -26.80
CA ILE A 133 -25.24 15.02 -26.48
C ILE A 133 -24.98 15.57 -25.08
N ASP A 134 -25.17 16.87 -24.93
CA ASP A 134 -24.88 17.58 -23.69
C ASP A 134 -26.16 17.69 -22.88
N VAL A 135 -26.24 16.94 -21.78
CA VAL A 135 -27.41 17.01 -20.90
C VAL A 135 -27.45 18.35 -20.17
N ALA A 136 -26.28 18.87 -19.78
CA ALA A 136 -26.21 20.12 -19.04
C ALA A 136 -26.30 21.33 -19.98
N SER A 137 -27.36 21.37 -20.79
CA SER A 137 -27.57 22.50 -21.70
C SER A 137 -29.00 23.02 -21.56
N ASP A 138 -29.90 22.17 -21.09
CA ASP A 138 -31.29 22.53 -20.87
C ASP A 138 -31.71 22.12 -19.46
N ARG A 139 -32.56 22.93 -18.84
CA ARG A 139 -33.01 22.64 -17.49
C ARG A 139 -33.81 21.34 -17.43
N ARG A 140 -34.82 21.23 -18.29
CA ARG A 140 -35.66 20.03 -18.29
C ARG A 140 -34.87 18.80 -18.72
N LEU A 141 -33.99 18.96 -19.71
CA LEU A 141 -33.17 17.83 -20.15
C LEU A 141 -32.24 17.38 -19.02
N PHE A 142 -31.64 18.33 -18.30
CA PHE A 142 -30.77 17.97 -17.19
C PHE A 142 -31.56 17.29 -16.08
N ASN A 143 -32.77 17.77 -15.79
CA ASN A 143 -33.59 17.14 -14.76
C ASN A 143 -33.98 15.72 -15.15
N THR A 144 -34.34 15.50 -16.42
CA THR A 144 -34.64 14.15 -16.89
C THR A 144 -33.42 13.26 -16.81
N PHE A 145 -32.25 13.79 -17.16
CA PHE A 145 -31.02 13.03 -17.04
C PHE A 145 -30.75 12.64 -15.59
N ILE A 146 -30.98 13.57 -14.66
CA ILE A 146 -30.75 13.27 -13.24
C ILE A 146 -31.71 12.20 -12.75
N LYS A 147 -32.99 12.32 -13.12
CA LYS A 147 -33.98 11.36 -12.63
C LYS A 147 -33.77 9.97 -13.23
N GLU A 148 -33.26 9.89 -14.46
CA GLU A 148 -32.90 8.59 -15.02
C GLU A 148 -31.57 8.08 -14.47
N TRP A 149 -30.70 9.00 -14.07
CA TRP A 149 -29.37 8.64 -13.57
C TRP A 149 -29.44 8.04 -12.18
N LYS A 150 -30.28 8.63 -11.31
CA LYS A 150 -30.39 8.12 -9.95
C LYS A 150 -30.90 6.69 -9.90
N THR A 151 -31.58 6.22 -10.95
CA THR A 151 -32.10 4.87 -11.00
C THR A 151 -31.17 3.90 -11.72
N LYS A 152 -30.02 4.35 -12.21
CA LYS A 152 -29.10 3.48 -12.93
C LYS A 152 -28.30 2.65 -11.94
N GLU A 153 -28.49 1.33 -11.97
CA GLU A 153 -27.77 0.43 -11.08
C GLU A 153 -26.26 0.45 -11.34
N ARG A 154 -25.83 0.86 -12.53
CA ARG A 154 -24.42 0.83 -12.87
C ARG A 154 -24.20 1.76 -14.05
N TYR A 155 -23.44 2.83 -13.83
CA TYR A 155 -23.11 3.80 -14.87
C TYR A 155 -21.60 4.04 -14.82
N SER A 156 -21.09 4.74 -15.84
CA SER A 156 -19.68 5.06 -15.94
C SER A 156 -19.51 6.58 -15.90
N LEU A 157 -18.54 7.04 -15.10
CA LEU A 157 -18.29 8.46 -14.92
C LEU A 157 -16.85 8.78 -15.31
N ALA A 158 -16.67 9.86 -16.05
CA ALA A 158 -15.36 10.26 -16.54
C ALA A 158 -15.12 11.74 -16.25
N LEU A 159 -13.89 12.07 -15.85
CA LEU A 159 -13.50 13.46 -15.67
C LEU A 159 -13.32 14.13 -17.03
N ALA A 160 -13.38 15.46 -17.01
CA ALA A 160 -13.09 16.28 -18.19
C ALA A 160 -12.39 17.53 -17.67
N CYS A 161 -11.07 17.53 -17.72
CA CYS A 161 -10.25 18.60 -17.17
C CYS A 161 -9.40 19.22 -18.28
N GLU A 162 -9.51 20.54 -18.44
CA GLU A 162 -8.60 21.29 -19.30
C GLU A 162 -7.57 21.96 -18.38
N LYS A 163 -6.56 21.18 -18.02
CA LYS A 163 -5.59 21.60 -17.00
C LYS A 163 -4.66 22.66 -17.57
N ARG A 164 -5.17 23.89 -17.61
CA ARG A 164 -4.34 25.05 -17.93
C ARG A 164 -3.41 25.41 -16.77
N GLU A 165 -3.66 24.88 -15.58
CA GLU A 165 -2.81 25.10 -14.41
C GLU A 165 -2.95 23.91 -13.48
N HIS A 166 -1.83 23.49 -12.90
CA HIS A 166 -1.85 22.37 -11.96
C HIS A 166 -2.49 22.77 -10.64
N ASP A 198 -7.71 20.83 -9.58
CA ASP A 198 -7.78 21.37 -8.23
C ASP A 198 -8.63 22.64 -8.23
N SER A 199 -9.54 22.74 -9.19
CA SER A 199 -10.42 23.88 -9.29
C SER A 199 -11.65 23.50 -10.11
N ASP A 200 -12.70 24.30 -9.98
CA ASP A 200 -13.94 24.11 -10.72
C ASP A 200 -14.12 25.26 -11.69
N GLY A 201 -14.30 24.94 -12.97
CA GLY A 201 -14.41 25.95 -13.99
C GLY A 201 -13.09 26.51 -14.47
N LEU A 202 -11.98 26.10 -13.88
CA LEU A 202 -10.64 26.52 -14.27
C LEU A 202 -9.73 25.35 -14.60
N VAL A 203 -9.82 24.26 -13.84
CA VAL A 203 -9.07 23.03 -14.10
C VAL A 203 -10.00 21.91 -14.53
N LEU A 204 -10.94 21.53 -13.66
CA LEU A 204 -11.99 20.58 -14.03
C LEU A 204 -13.07 21.29 -14.83
N ILE A 205 -13.40 20.75 -15.99
CA ILE A 205 -14.33 21.41 -16.90
C ILE A 205 -15.70 20.75 -16.83
N GLY A 206 -15.72 19.46 -16.55
CA GLY A 206 -17.01 18.78 -16.44
C GLY A 206 -16.86 17.31 -16.16
N LEU A 207 -18.00 16.64 -16.07
CA LEU A 207 -18.09 15.21 -15.91
C LEU A 207 -18.95 14.62 -17.01
N SER A 208 -18.50 13.50 -17.58
CA SER A 208 -19.24 12.79 -18.60
C SER A 208 -19.75 11.48 -18.04
N VAL A 209 -20.87 11.00 -18.58
CA VAL A 209 -21.52 9.79 -18.09
C VAL A 209 -21.75 8.85 -19.26
N CYS A 210 -21.94 7.57 -18.91
CA CYS A 210 -22.21 6.53 -19.90
C CYS A 210 -23.02 5.42 -19.25
N TRP A 211 -24.26 5.24 -19.70
CA TRP A 211 -25.10 4.16 -19.19
C TRP A 211 -24.98 2.88 -20.00
N GLY A 212 -24.56 2.98 -21.26
CA GLY A 212 -24.41 1.82 -22.11
C GLY A 212 -24.85 2.07 -23.53
N ALA A 213 -24.73 1.04 -24.39
CA ALA A 213 -25.13 1.12 -25.78
C ALA A 213 -24.43 2.26 -26.51
N ARG A 214 -23.16 2.48 -26.19
CA ARG A 214 -22.31 3.47 -26.86
C ARG A 214 -22.94 4.87 -26.77
N ASP A 215 -23.44 5.22 -25.59
CA ASP A 215 -24.05 6.52 -25.34
C ASP A 215 -23.25 7.25 -24.26
N SER A 216 -22.96 8.52 -24.48
CA SER A 216 -22.26 9.35 -23.52
C SER A 216 -22.98 10.68 -23.37
N TYR A 217 -23.19 11.10 -22.13
CA TYR A 217 -23.80 12.38 -21.81
C TYR A 217 -22.82 13.21 -21.01
N TYR A 218 -22.69 14.48 -21.36
CA TYR A 218 -21.70 15.37 -20.77
C TYR A 218 -22.37 16.41 -19.88
N ILE A 219 -21.86 16.57 -18.67
CA ILE A 219 -22.34 17.58 -17.72
C ILE A 219 -21.22 18.60 -17.58
N SER A 220 -21.39 19.75 -18.23
CA SER A 220 -20.37 20.79 -18.21
C SER A 220 -20.37 21.54 -16.89
N LEU A 221 -19.18 21.71 -16.30
CA LEU A 221 -18.99 22.51 -15.10
C LEU A 221 -18.47 23.90 -15.43
N GLN A 222 -18.82 24.44 -16.58
CA GLN A 222 -18.37 25.74 -17.05
C GLN A 222 -19.57 26.67 -17.21
N GLN A 223 -19.31 27.86 -17.75
CA GLN A 223 -20.36 28.84 -18.00
C GLN A 223 -21.31 28.36 -19.09
N VAL A 244 -26.75 26.79 -12.53
CA VAL A 244 -25.29 26.87 -12.50
C VAL A 244 -24.75 25.91 -11.46
N SER A 245 -24.66 26.38 -10.21
CA SER A 245 -24.22 25.52 -9.11
C SER A 245 -25.25 24.46 -8.75
N GLU A 246 -26.49 24.60 -9.21
CA GLU A 246 -27.49 23.56 -8.97
C GLU A 246 -27.11 22.26 -9.67
N ARG A 247 -26.48 22.35 -10.84
CA ARG A 247 -25.97 21.16 -11.50
C ARG A 247 -24.94 20.45 -10.63
N LEU A 248 -24.02 21.22 -10.05
CA LEU A 248 -23.02 20.62 -9.16
C LEU A 248 -23.69 20.03 -7.92
N GLY A 249 -24.71 20.68 -7.39
CA GLY A 249 -25.41 20.14 -6.24
C GLY A 249 -26.10 18.82 -6.53
N GLN A 250 -26.78 18.75 -7.67
CA GLN A 250 -27.44 17.50 -8.05
C GLN A 250 -26.43 16.40 -8.38
N VAL A 251 -25.29 16.76 -8.97
CA VAL A 251 -24.23 15.78 -9.18
C VAL A 251 -23.69 15.27 -7.86
N ARG A 252 -23.58 16.16 -6.86
CA ARG A 252 -23.17 15.74 -5.53
C ARG A 252 -24.19 14.79 -4.92
N SER A 253 -25.47 15.08 -5.10
CA SER A 253 -26.52 14.20 -4.59
C SER A 253 -26.46 12.83 -5.25
N CYS A 254 -26.21 12.79 -6.56
CA CYS A 254 -26.13 11.51 -7.27
C CYS A 254 -24.89 10.72 -6.89
N LEU A 255 -23.74 11.40 -6.78
CA LEU A 255 -22.48 10.71 -6.54
C LEU A 255 -22.31 10.27 -5.08
N SER A 256 -23.07 10.84 -4.16
CA SER A 256 -22.96 10.53 -2.74
C SER A 256 -24.21 9.74 -2.33
N ARG A 257 -24.16 8.42 -2.53
CA ARG A 257 -25.23 7.51 -2.18
C ARG A 257 -26.56 7.95 -2.76
N PRO A 258 -26.78 7.75 -4.08
CA PRO A 258 -27.94 8.19 -4.86
C PRO A 258 -29.28 8.11 -4.11
N GLY A 264 -26.90 -0.74 -4.91
CA GLY A 264 -27.06 -0.34 -6.30
C GLY A 264 -26.35 0.96 -6.63
N GLY A 265 -26.56 1.44 -7.84
CA GLY A 265 -25.95 2.68 -8.29
C GLY A 265 -24.44 2.63 -8.33
N VAL A 266 -23.90 1.56 -8.91
CA VAL A 266 -22.45 1.39 -8.98
C VAL A 266 -21.90 2.29 -10.07
N VAL A 267 -20.94 3.15 -9.71
CA VAL A 267 -20.30 4.05 -10.64
C VAL A 267 -18.89 3.53 -10.93
N VAL A 268 -18.58 3.38 -12.22
CA VAL A 268 -17.28 2.88 -12.66
C VAL A 268 -16.52 4.03 -13.30
N THR A 269 -15.29 4.25 -12.84
CA THR A 269 -14.43 5.29 -13.38
C THR A 269 -13.04 4.74 -13.58
N TYR A 270 -12.35 5.27 -14.58
CA TYR A 270 -10.96 4.89 -14.83
C TYR A 270 -10.05 5.62 -13.84
N ASP A 271 -9.19 4.87 -13.14
CA ASP A 271 -8.29 5.42 -12.14
C ASP A 271 -9.08 6.16 -11.04
N ILE A 272 -9.81 5.36 -10.27
CA ILE A 272 -10.78 5.88 -9.31
C ILE A 272 -10.11 6.81 -8.30
N ILE A 273 -8.89 6.47 -7.86
CA ILE A 273 -8.24 7.26 -6.82
C ILE A 273 -7.99 8.68 -7.30
N GLN A 274 -7.44 8.83 -8.51
CA GLN A 274 -7.20 10.17 -9.03
C GLN A 274 -8.51 10.88 -9.35
N VAL A 275 -9.52 10.14 -9.80
CA VAL A 275 -10.83 10.74 -10.05
C VAL A 275 -11.44 11.24 -8.75
N TYR A 276 -11.35 10.43 -7.69
CA TYR A 276 -11.89 10.84 -6.39
C TYR A 276 -11.16 12.07 -5.87
N LYS A 277 -9.83 12.08 -5.96
CA LYS A 277 -9.06 13.23 -5.51
C LYS A 277 -9.40 14.47 -6.33
N THR A 278 -9.54 14.33 -7.64
CA THR A 278 -9.89 15.47 -8.47
C THR A 278 -11.25 16.03 -8.09
N LEU A 279 -12.24 15.15 -7.90
CA LEU A 279 -13.57 15.62 -7.52
C LEU A 279 -13.54 16.33 -6.18
N VAL A 280 -12.81 15.78 -5.20
CA VAL A 280 -12.74 16.39 -3.88
C VAL A 280 -12.05 17.75 -3.95
N LEU A 281 -10.89 17.80 -4.61
CA LEU A 281 -10.10 19.03 -4.64
C LEU A 281 -10.67 20.09 -5.55
N SER A 282 -11.58 19.73 -6.46
CA SER A 282 -12.16 20.69 -7.38
C SER A 282 -13.55 21.15 -6.96
N CYS A 283 -14.37 20.26 -6.41
CA CYS A 283 -15.72 20.61 -6.03
C CYS A 283 -16.13 20.08 -4.66
N GLY A 284 -15.24 19.40 -3.94
CA GLY A 284 -15.60 18.82 -2.66
C GLY A 284 -16.59 17.68 -2.77
N ILE A 285 -16.66 17.02 -3.93
CA ILE A 285 -17.59 15.93 -4.14
C ILE A 285 -16.93 14.63 -3.71
N SER A 286 -17.60 13.88 -2.84
CA SER A 286 -17.13 12.58 -2.40
C SER A 286 -17.95 11.49 -3.07
N LEU A 287 -17.26 10.56 -3.74
CA LEU A 287 -17.91 9.40 -4.31
C LEU A 287 -18.27 8.42 -3.21
N ALA A 288 -19.49 8.51 -2.70
CA ALA A 288 -20.01 7.58 -1.71
C ALA A 288 -20.87 6.54 -2.40
N GLY A 289 -20.78 5.29 -1.93
CA GLY A 289 -21.52 4.19 -2.50
C GLY A 289 -20.59 3.13 -3.07
N ASN A 290 -21.02 2.54 -4.18
CA ASN A 290 -20.29 1.46 -4.83
C ASN A 290 -19.56 2.02 -6.04
N CYS A 291 -18.24 1.89 -6.06
CA CYS A 291 -17.40 2.37 -7.14
C CYS A 291 -16.62 1.20 -7.71
N GLU A 292 -16.33 1.28 -9.02
CA GLU A 292 -15.56 0.26 -9.71
C GLU A 292 -14.54 0.92 -10.61
N ASP A 293 -13.44 0.20 -10.85
CA ASP A 293 -12.32 0.71 -11.64
C ASP A 293 -11.83 -0.40 -12.55
N PRO A 294 -11.93 -0.23 -13.87
CA PRO A 294 -11.47 -1.30 -14.78
C PRO A 294 -10.01 -1.63 -14.62
N LYS A 295 -9.19 -0.69 -14.14
CA LYS A 295 -7.79 -1.02 -13.84
C LYS A 295 -7.71 -2.06 -12.72
N VAL A 296 -8.59 -1.96 -11.72
CA VAL A 296 -8.56 -2.91 -10.62
C VAL A 296 -8.99 -4.29 -11.10
N ALA A 297 -10.01 -4.35 -11.97
CA ALA A 297 -10.41 -5.64 -12.53
C ALA A 297 -9.32 -6.24 -13.41
N CYS A 298 -8.66 -5.40 -14.23
CA CYS A 298 -7.57 -5.90 -15.07
C CYS A 298 -6.42 -6.41 -14.23
N TRP A 299 -6.13 -5.75 -13.11
CA TRP A 299 -5.08 -6.21 -12.22
C TRP A 299 -5.50 -7.44 -11.42
N LEU A 300 -6.80 -7.63 -11.18
CA LEU A 300 -7.27 -8.87 -10.59
C LEU A 300 -7.09 -10.03 -11.55
N LEU A 301 -7.45 -9.83 -12.82
CA LEU A 301 -7.34 -10.90 -13.81
C LEU A 301 -5.89 -11.23 -14.17
N ASP A 302 -4.96 -10.32 -13.90
CA ASP A 302 -3.55 -10.59 -14.15
C ASP A 302 -2.69 -9.67 -13.30
N PRO A 303 -2.45 -10.00 -12.03
CA PRO A 303 -1.65 -9.11 -11.17
C PRO A 303 -0.24 -8.89 -11.65
N GLY A 304 0.39 -9.89 -12.27
CA GLY A 304 1.75 -9.80 -12.72
C GLY A 304 1.94 -9.18 -14.09
N SER A 305 0.85 -8.77 -14.75
CA SER A 305 0.94 -8.18 -16.07
C SER A 305 1.34 -6.71 -15.96
N GLU A 306 1.24 -5.98 -17.06
CA GLU A 306 1.55 -4.56 -17.10
C GLU A 306 0.28 -3.73 -16.94
N GLU A 307 0.43 -2.53 -16.41
CA GLU A 307 -0.70 -1.66 -16.12
C GLU A 307 -1.28 -1.18 -17.44
N ARG A 308 -2.36 -1.82 -17.88
CA ARG A 308 -2.96 -1.49 -19.17
C ARG A 308 -3.55 -0.10 -19.15
N THR A 309 -3.10 0.74 -20.08
CA THR A 309 -3.81 1.98 -20.35
C THR A 309 -5.18 1.65 -20.94
N LEU A 310 -6.07 2.64 -20.96
CA LEU A 310 -7.39 2.40 -21.53
C LEU A 310 -7.32 1.95 -22.98
N PRO A 311 -6.59 2.62 -23.88
CA PRO A 311 -6.46 2.05 -25.24
C PRO A 311 -5.87 0.65 -25.23
N ASN A 312 -4.86 0.41 -24.39
CA ASN A 312 -4.32 -0.94 -24.27
C ASN A 312 -5.40 -1.94 -23.90
N MET A 313 -6.36 -1.53 -23.07
CA MET A 313 -7.49 -2.39 -22.77
C MET A 313 -8.34 -2.63 -24.00
N VAL A 314 -8.64 -1.56 -24.75
CA VAL A 314 -9.51 -1.69 -25.92
C VAL A 314 -8.84 -2.54 -27.00
N THR A 315 -7.50 -2.55 -27.03
CA THR A 315 -6.77 -3.37 -27.98
C THR A 315 -6.58 -4.80 -27.51
N VAL A 316 -7.04 -5.14 -26.30
CA VAL A 316 -6.85 -6.49 -25.77
C VAL A 316 -8.19 -7.10 -25.40
N TYR A 317 -8.92 -6.45 -24.48
CA TYR A 317 -10.14 -7.02 -23.93
C TYR A 317 -11.37 -6.73 -24.78
N CYS A 318 -11.47 -5.53 -25.35
CA CYS A 318 -12.66 -5.12 -26.10
C CYS A 318 -12.24 -4.58 -27.46
N PRO A 319 -11.82 -5.47 -28.38
CA PRO A 319 -11.43 -5.00 -29.72
C PRO A 319 -12.57 -4.41 -30.52
N GLU A 320 -13.81 -4.69 -30.17
CA GLU A 320 -14.96 -4.21 -30.94
C GLU A 320 -15.23 -2.72 -30.77
N GLU A 321 -14.36 -1.98 -30.09
CA GLU A 321 -14.53 -0.54 -29.90
C GLU A 321 -13.30 0.25 -30.35
N LEU A 322 -12.39 -0.38 -31.10
CA LEU A 322 -11.20 0.33 -31.56
C LEU A 322 -11.48 1.61 -32.34
N PRO A 323 -12.47 1.67 -33.25
CA PRO A 323 -12.71 2.94 -33.96
C PRO A 323 -13.08 4.10 -33.04
N LEU A 324 -13.51 3.83 -31.81
CA LEU A 324 -13.83 4.90 -30.87
C LEU A 324 -12.62 5.43 -30.14
N LEU A 325 -11.44 4.82 -30.30
CA LEU A 325 -10.23 5.33 -29.68
C LEU A 325 -9.85 6.71 -30.20
N ASP A 326 -10.35 7.10 -31.36
CA ASP A 326 -10.10 8.43 -31.90
C ASP A 326 -10.92 9.45 -31.12
N GLY A 327 -10.25 10.32 -30.37
CA GLY A 327 -10.92 11.34 -29.60
C GLY A 327 -10.30 11.56 -28.24
N LEU A 328 -9.42 10.67 -27.82
CA LEU A 328 -8.75 10.80 -26.53
C LEU A 328 -7.79 11.99 -26.55
N ALA A 333 -6.32 19.17 -30.78
CA ALA A 333 -6.55 19.46 -29.37
C ALA A 333 -7.17 18.26 -28.67
N HIS A 334 -6.98 18.19 -27.34
CA HIS A 334 -7.55 17.09 -26.58
C HIS A 334 -9.07 17.16 -26.54
N CYS A 335 -9.62 18.38 -26.41
CA CYS A 335 -11.06 18.60 -26.33
C CYS A 335 -11.67 17.73 -25.23
N PRO A 336 -11.47 18.07 -23.95
CA PRO A 336 -11.88 17.16 -22.86
C PRO A 336 -13.37 16.82 -22.85
N ARG A 337 -14.17 17.46 -23.69
CA ARG A 337 -15.56 17.03 -23.85
C ARG A 337 -15.68 15.79 -24.72
N VAL A 338 -14.74 15.57 -25.63
CA VAL A 338 -14.72 14.37 -26.45
C VAL A 338 -13.88 13.28 -25.82
N ARG A 339 -12.73 13.64 -25.23
CA ARG A 339 -11.92 12.67 -24.54
C ARG A 339 -12.67 12.02 -23.39
N ALA A 340 -13.51 12.81 -22.68
CA ALA A 340 -14.28 12.27 -21.58
C ALA A 340 -15.35 11.30 -22.07
N ALA A 341 -16.05 11.66 -23.15
CA ALA A 341 -17.07 10.76 -23.71
C ALA A 341 -16.44 9.45 -24.16
N THR A 342 -15.35 9.52 -24.92
CA THR A 342 -14.69 8.31 -25.39
C THR A 342 -14.18 7.47 -24.23
N LYS A 343 -13.54 8.10 -23.24
CA LYS A 343 -13.02 7.37 -22.11
C LYS A 343 -14.14 6.73 -21.30
N SER A 344 -15.26 7.43 -21.13
CA SER A 344 -16.37 6.87 -20.37
C SER A 344 -16.98 5.66 -21.08
N VAL A 345 -17.21 5.76 -22.39
CA VAL A 345 -17.82 4.64 -23.10
C VAL A 345 -16.87 3.45 -23.16
N LEU A 346 -15.57 3.72 -23.38
CA LEU A 346 -14.60 2.63 -23.41
C LEU A 346 -14.47 1.97 -22.03
N VAL A 347 -14.48 2.77 -20.97
CA VAL A 347 -14.40 2.21 -19.62
C VAL A 347 -15.63 1.38 -19.31
N HIS A 348 -16.81 1.85 -19.72
CA HIS A 348 -18.04 1.08 -19.50
C HIS A 348 -17.97 -0.27 -20.22
N ALA A 349 -17.57 -0.26 -21.49
CA ALA A 349 -17.48 -1.51 -22.24
C ALA A 349 -16.43 -2.44 -21.65
N VAL A 350 -15.26 -1.90 -21.31
CA VAL A 350 -14.18 -2.72 -20.76
C VAL A 350 -14.61 -3.32 -19.44
N MET A 351 -15.26 -2.53 -18.58
CA MET A 351 -15.69 -3.03 -17.29
C MET A 351 -16.81 -4.06 -17.43
N ASN A 352 -17.67 -3.90 -18.45
CA ASN A 352 -18.68 -4.93 -18.71
C ASN A 352 -18.02 -6.25 -19.10
N HIS A 353 -16.98 -6.19 -19.93
CA HIS A 353 -16.26 -7.42 -20.28
C HIS A 353 -15.56 -8.02 -19.06
N LEU A 354 -14.88 -7.17 -18.28
CA LEU A 354 -14.20 -7.64 -17.09
C LEU A 354 -15.15 -8.17 -16.04
N THR A 355 -16.41 -7.72 -16.02
CA THR A 355 -17.38 -8.27 -15.09
C THR A 355 -17.63 -9.74 -15.35
N GLY A 356 -17.86 -10.09 -16.62
CA GLY A 356 -17.98 -11.50 -16.97
C GLY A 356 -16.70 -12.27 -16.72
N LEU A 357 -15.55 -11.65 -17.03
CA LEU A 357 -14.28 -12.33 -16.78
C LEU A 357 -14.05 -12.60 -15.30
N LEU A 358 -14.51 -11.69 -14.43
CA LEU A 358 -14.38 -11.90 -12.99
C LEU A 358 -15.40 -12.92 -12.49
N GLU A 359 -16.59 -12.93 -13.08
CA GLU A 359 -17.57 -13.97 -12.75
C GLU A 359 -17.05 -15.34 -13.11
N LYS A 360 -16.31 -15.46 -14.22
CA LYS A 360 -15.67 -16.72 -14.57
C LYS A 360 -14.64 -17.13 -13.53
N ASP A 361 -13.89 -16.16 -13.00
CA ASP A 361 -12.81 -16.43 -12.06
C ASP A 361 -13.26 -16.33 -10.61
N SER A 362 -14.55 -16.10 -10.36
CA SER A 362 -15.11 -16.00 -9.00
C SER A 362 -14.41 -14.93 -8.18
N MET A 363 -14.10 -13.80 -8.82
CA MET A 363 -13.53 -12.65 -8.13
C MET A 363 -14.51 -11.49 -8.01
N LEU A 364 -15.69 -11.59 -8.61
CA LEU A 364 -16.59 -10.45 -8.68
C LEU A 364 -17.08 -10.04 -7.29
N ASP A 365 -17.35 -11.01 -6.43
CA ASP A 365 -17.75 -10.68 -5.06
C ASP A 365 -16.61 -10.00 -4.31
N LEU A 366 -15.39 -10.49 -4.47
CA LEU A 366 -14.23 -9.86 -3.85
C LEU A 366 -13.99 -8.47 -4.45
N PHE A 367 -14.14 -8.34 -5.77
CA PHE A 367 -13.90 -7.06 -6.43
C PHE A 367 -14.87 -6.00 -5.97
N ARG A 368 -16.16 -6.34 -5.92
CA ARG A 368 -17.18 -5.34 -5.63
C ARG A 368 -17.19 -4.94 -4.16
N SER A 369 -16.82 -5.86 -3.26
CA SER A 369 -16.99 -5.64 -1.84
C SER A 369 -15.72 -5.22 -1.12
N ILE A 370 -14.54 -5.60 -1.61
CA ILE A 370 -13.29 -5.45 -0.89
C ILE A 370 -12.29 -4.59 -1.64
N GLU A 371 -12.05 -4.91 -2.91
CA GLU A 371 -10.98 -4.25 -3.66
C GLU A 371 -11.28 -2.78 -3.89
N MET A 372 -12.50 -2.48 -4.30
CA MET A 372 -12.85 -1.11 -4.68
C MET A 372 -13.10 -0.20 -3.48
N PRO A 373 -13.81 -0.65 -2.44
CA PRO A 373 -13.86 0.16 -1.20
C PRO A 373 -12.48 0.43 -0.62
N SER A 374 -11.55 -0.52 -0.76
CA SER A 374 -10.18 -0.26 -0.36
C SER A 374 -9.55 0.85 -1.21
N GLN A 375 -9.88 0.90 -2.50
CA GLN A 375 -9.39 1.97 -3.35
C GLN A 375 -9.94 3.31 -2.92
N VAL A 376 -11.21 3.36 -2.51
CA VAL A 376 -11.78 4.61 -2.00
C VAL A 376 -11.10 5.01 -0.71
N CYS A 377 -10.80 4.03 0.16
CA CYS A 377 -10.08 4.35 1.39
C CYS A 377 -8.69 4.88 1.10
N LEU A 378 -8.02 4.33 0.08
CA LEU A 378 -6.70 4.82 -0.30
C LEU A 378 -6.78 6.22 -0.91
N ALA A 379 -7.86 6.51 -1.65
CA ALA A 379 -8.06 7.87 -2.12
C ALA A 379 -8.24 8.83 -0.96
N LEU A 380 -8.98 8.41 0.08
CA LEU A 380 -9.09 9.24 1.28
C LEU A 380 -7.75 9.40 1.97
N LEU A 381 -6.93 8.36 1.98
CA LEU A 381 -5.58 8.47 2.55
C LEU A 381 -4.75 9.50 1.79
N GLU A 382 -4.83 9.48 0.46
CA GLU A 382 -4.06 10.44 -0.33
C GLU A 382 -4.58 11.85 -0.15
N LEU A 383 -5.90 12.02 -0.03
CA LEU A 383 -6.47 13.33 0.25
C LEU A 383 -6.04 13.85 1.60
N ASN A 384 -6.09 13.01 2.63
CA ASN A 384 -5.70 13.43 3.97
C ASN A 384 -4.25 13.89 3.98
N GLY A 385 -3.36 13.12 3.36
CA GLY A 385 -1.94 13.37 3.47
C GLY A 385 -1.48 13.07 4.87
N VAL A 386 -0.21 12.81 5.06
CA VAL A 386 0.34 12.61 6.40
C VAL A 386 0.94 13.93 6.86
N GLY A 387 0.63 14.31 8.09
CA GLY A 387 1.19 15.53 8.64
C GLY A 387 2.71 15.47 8.66
N PHE A 388 3.32 16.65 8.67
CA PHE A 388 4.77 16.73 8.50
C PHE A 388 5.23 18.08 9.01
N SER A 389 6.07 18.07 10.03
CA SER A 389 6.63 19.30 10.58
C SER A 389 8.02 19.51 9.99
N VAL A 390 8.21 20.64 9.32
CA VAL A 390 9.53 20.99 8.80
C VAL A 390 10.49 21.28 9.94
N GLU A 391 9.99 21.82 11.05
CA GLU A 391 10.85 22.18 12.17
C GLU A 391 11.58 20.95 12.71
N GLU A 392 10.86 19.85 12.90
CA GLU A 392 11.51 18.60 13.27
C GLU A 392 12.35 18.06 12.13
N CYS A 393 11.84 18.17 10.90
CA CYS A 393 12.61 17.73 9.74
C CYS A 393 13.89 18.54 9.59
N GLU A 394 13.82 19.86 9.81
CA GLU A 394 15.00 20.69 9.68
C GLU A 394 16.06 20.35 10.71
N ARG A 395 15.65 20.14 11.97
CA ARG A 395 16.64 19.82 13.00
C ARG A 395 17.23 18.43 12.79
N GLN A 396 16.40 17.47 12.37
CA GLN A 396 16.91 16.15 12.04
C GLN A 396 17.89 16.21 10.88
N LYS A 397 17.56 17.01 9.85
CA LYS A 397 18.46 17.17 8.71
C LYS A 397 19.76 17.83 9.12
N HIS A 398 19.70 18.84 9.99
CA HIS A 398 20.93 19.50 10.43
C HIS A 398 21.81 18.54 11.20
N VAL A 399 21.23 17.75 12.10
CA VAL A 399 22.03 16.78 12.84
C VAL A 399 22.59 15.72 11.90
N MET A 400 21.79 15.27 10.94
CA MET A 400 22.25 14.26 10.00
C MET A 400 23.37 14.78 9.11
N GLN A 401 23.30 16.06 8.73
CA GLN A 401 24.36 16.62 7.88
C GLN A 401 25.63 16.85 8.68
N ALA A 402 25.52 17.27 9.94
CA ALA A 402 26.70 17.34 10.79
C ALA A 402 27.32 15.95 10.95
N LYS A 403 26.49 14.93 11.13
CA LYS A 403 26.99 13.57 11.23
C LYS A 403 27.63 13.12 9.92
N LEU A 404 27.05 13.52 8.79
CA LEU A 404 27.63 13.15 7.50
C LEU A 404 29.00 13.79 7.30
N THR A 405 29.14 15.05 7.68
CA THR A 405 30.45 15.70 7.61
C THR A 405 31.45 14.98 8.53
N ALA A 406 31.02 14.64 9.74
CA ALA A 406 31.90 13.92 10.65
C ALA A 406 32.30 12.56 10.09
N LEU A 407 31.34 11.86 9.47
CA LEU A 407 31.62 10.54 8.89
C LEU A 407 32.57 10.64 7.71
N GLU A 408 32.40 11.66 6.87
CA GLU A 408 33.33 11.88 5.77
C GLU A 408 34.72 12.19 6.29
N SER A 409 34.82 12.99 7.35
CA SER A 409 36.11 13.27 7.96
C SER A 409 36.75 12.00 8.51
N GLN A 410 35.96 11.15 9.14
CA GLN A 410 36.48 9.88 9.67
C GLN A 410 36.95 8.98 8.54
N ALA A 411 36.11 8.77 7.53
CA ALA A 411 36.43 7.85 6.44
C ALA A 411 37.66 8.33 5.67
N TYR A 412 37.76 9.62 5.41
CA TYR A 412 38.94 10.15 4.76
C TYR A 412 40.18 10.02 5.64
N ASN A 413 39.99 9.94 6.97
CA ASN A 413 41.10 9.75 7.89
C ASN A 413 41.36 8.28 8.20
N LEU A 414 40.32 7.45 8.18
CA LEU A 414 40.50 6.02 8.44
C LEU A 414 41.35 5.37 7.36
N ALA A 415 41.10 5.70 6.10
CA ALA A 415 41.86 5.10 5.01
C ALA A 415 43.22 5.78 4.83
N GLY A 416 43.25 7.11 4.87
CA GLY A 416 44.48 7.84 4.69
C GLY A 416 44.36 8.97 3.68
N HIS A 417 43.51 8.79 2.67
CA HIS A 417 43.30 9.78 1.63
C HIS A 417 41.82 10.11 1.55
N SER A 418 41.49 11.06 0.68
CA SER A 418 40.13 11.58 0.52
C SER A 418 39.53 11.00 -0.76
N PHE A 419 38.81 9.90 -0.62
CA PHE A 419 38.13 9.25 -1.74
C PHE A 419 36.71 9.78 -1.87
N SER A 420 35.90 9.15 -2.70
CA SER A 420 34.49 9.49 -2.86
C SER A 420 33.62 8.35 -2.37
N LEU A 421 32.69 8.66 -1.47
CA LEU A 421 31.83 7.65 -0.89
C LEU A 421 30.64 7.29 -1.78
N THR A 422 30.38 8.06 -2.83
CA THR A 422 29.27 7.78 -3.73
C THR A 422 29.67 6.95 -4.94
N SER A 423 30.95 6.62 -5.10
CA SER A 423 31.45 5.85 -6.23
C SER A 423 31.89 4.48 -5.72
N ILE A 424 31.35 3.42 -6.33
CA ILE A 424 31.64 2.07 -5.89
C ILE A 424 33.12 1.72 -6.06
N ASP A 425 33.80 2.38 -6.99
CA ASP A 425 35.22 2.07 -7.22
C ASP A 425 36.05 2.40 -6.00
N ASP A 426 35.78 3.53 -5.34
CA ASP A 426 36.60 3.93 -4.19
C ASP A 426 36.37 3.00 -3.00
N ILE A 427 35.13 2.57 -2.77
CA ILE A 427 34.87 1.61 -1.70
C ILE A 427 35.47 0.25 -2.04
N ALA A 428 35.43 -0.13 -3.33
CA ALA A 428 36.09 -1.37 -3.74
C ALA A 428 37.60 -1.26 -3.58
N GLN A 429 38.14 -0.05 -3.62
CA GLN A 429 39.51 0.20 -3.18
C GLN A 429 39.55 0.32 -1.65
N VAL A 430 40.76 0.41 -1.11
CA VAL A 430 40.98 0.40 0.33
C VAL A 430 40.41 -0.89 0.91
N LEU A 431 39.09 -0.92 1.11
CA LEU A 431 38.42 -2.17 1.45
C LEU A 431 38.56 -3.15 0.31
N PHE A 432 38.88 -4.40 0.65
CA PHE A 432 39.10 -5.51 -0.28
C PHE A 432 40.36 -5.33 -1.11
N LEU A 433 41.08 -4.22 -0.97
CA LEU A 433 42.30 -3.97 -1.70
C LEU A 433 43.55 -3.93 -0.81
N GLU A 434 43.39 -3.54 0.45
CA GLU A 434 44.52 -3.51 1.39
C GLU A 434 44.54 -4.72 2.31
N LEU A 435 43.49 -4.92 3.10
CA LEU A 435 43.49 -6.00 4.08
C LEU A 435 42.20 -6.80 4.08
N HIS A 436 41.10 -6.18 3.68
CA HIS A 436 39.78 -6.80 3.86
C HIS A 436 39.55 -7.93 2.86
N LEU A 437 38.72 -8.88 3.27
CA LEU A 437 38.42 -10.05 2.46
C LEU A 437 37.18 -9.78 1.60
N PRO A 438 37.29 -9.80 0.26
CA PRO A 438 36.21 -9.60 -0.71
C PRO A 438 34.89 -10.27 -0.32
N GLN A 467 32.56 -4.95 -9.21
CA GLN A 467 33.39 -6.15 -9.27
C GLN A 467 33.31 -6.94 -7.97
N PHE A 468 33.73 -6.33 -6.88
CA PHE A 468 33.67 -6.97 -5.57
C PHE A 468 32.31 -6.85 -4.90
N SER A 469 31.42 -6.00 -5.42
CA SER A 469 30.05 -5.85 -4.94
C SER A 469 30.03 -5.47 -3.46
N THR A 470 30.57 -4.28 -3.19
CA THR A 470 30.57 -3.74 -1.84
C THR A 470 29.17 -3.28 -1.45
N THR A 471 28.42 -4.15 -0.77
CA THR A 471 27.03 -3.86 -0.43
C THR A 471 26.81 -4.22 1.03
N LYS A 472 25.55 -4.13 1.46
CA LYS A 472 25.17 -4.53 2.81
C LYS A 472 25.09 -6.05 2.90
N ASP A 473 24.94 -6.55 4.12
CA ASP A 473 24.85 -7.97 4.45
C ASP A 473 26.15 -8.73 4.20
N ILE A 474 27.26 -8.03 4.03
CA ILE A 474 28.57 -8.66 4.07
C ILE A 474 29.26 -8.20 5.34
N LEU A 475 28.44 -7.86 6.35
CA LEU A 475 28.97 -7.31 7.59
C LEU A 475 29.94 -8.26 8.26
N GLU A 476 29.70 -9.56 8.14
CA GLU A 476 30.55 -10.56 8.77
C GLU A 476 31.98 -10.45 8.26
N LYS A 477 32.94 -10.67 9.17
CA LYS A 477 34.37 -10.68 8.92
C LYS A 477 34.86 -9.40 8.23
N LEU A 478 34.02 -8.37 8.17
CA LEU A 478 34.41 -7.06 7.66
C LEU A 478 34.22 -5.95 8.68
N ARG A 479 33.04 -5.88 9.29
CA ARG A 479 32.69 -4.78 10.19
C ARG A 479 33.46 -4.87 11.50
N PRO A 480 33.70 -6.06 12.08
CA PRO A 480 34.65 -6.13 13.20
C PRO A 480 36.06 -5.78 12.79
N LEU A 481 36.98 -5.80 13.75
CA LEU A 481 38.38 -5.43 13.52
C LEU A 481 38.47 -3.98 13.08
N HIS A 482 38.76 -3.75 11.80
CA HIS A 482 38.86 -2.38 11.30
C HIS A 482 37.47 -1.76 11.21
N PRO A 483 37.25 -0.58 11.80
CA PRO A 483 35.90 0.00 11.84
C PRO A 483 35.52 0.87 10.64
N LEU A 484 36.30 0.87 9.57
CA LEU A 484 35.93 1.63 8.39
C LEU A 484 34.61 1.17 7.76
N PRO A 485 34.35 -0.13 7.56
CA PRO A 485 33.08 -0.52 6.94
C PRO A 485 31.85 -0.10 7.72
N GLY A 486 31.94 -0.05 9.06
CA GLY A 486 30.82 0.45 9.84
C GLY A 486 30.54 1.91 9.57
N VAL A 487 31.60 2.71 9.46
CA VAL A 487 31.44 4.12 9.13
C VAL A 487 30.81 4.29 7.76
N ILE A 488 31.23 3.45 6.80
CA ILE A 488 30.67 3.53 5.46
C ILE A 488 29.20 3.12 5.46
N LEU A 489 28.84 2.11 6.26
CA LEU A 489 27.44 1.71 6.38
C LEU A 489 26.60 2.84 6.98
N GLU A 490 27.10 3.48 8.04
CA GLU A 490 26.37 4.58 8.64
C GLU A 490 26.23 5.74 7.67
N TRP A 491 27.31 6.06 6.95
CA TRP A 491 27.26 7.13 5.97
C TRP A 491 26.24 6.83 4.88
N ARG A 492 26.24 5.59 4.38
CA ARG A 492 25.29 5.21 3.33
C ARG A 492 23.86 5.27 3.84
N ARG A 493 23.56 4.88 5.06
CA ARG A 493 22.17 5.00 5.52
C ARG A 493 21.77 6.43 5.66
N ILE A 494 22.64 7.18 6.33
CA ILE A 494 22.22 8.57 6.54
C ILE A 494 22.07 9.29 5.20
N THR A 495 22.95 9.01 4.24
CA THR A 495 22.85 9.62 2.93
C THR A 495 21.60 9.18 2.20
N ASN A 496 21.27 7.89 2.26
CA ASN A 496 20.04 7.41 1.66
C ASN A 496 18.82 8.00 2.35
N ALA A 497 18.86 8.08 3.69
CA ALA A 497 17.77 8.72 4.42
C ALA A 497 17.57 10.15 3.95
N LEU A 498 18.65 10.93 3.90
CA LEU A 498 18.56 12.31 3.43
C LEU A 498 17.99 12.36 2.01
N THR A 499 18.72 11.80 1.04
CA THR A 499 18.40 11.95 -0.37
C THR A 499 17.14 11.21 -0.81
N LYS A 500 16.55 10.36 0.04
CA LYS A 500 15.34 9.66 -0.32
C LYS A 500 14.13 10.01 0.54
N VAL A 501 14.32 10.67 1.67
CA VAL A 501 13.20 11.12 2.48
C VAL A 501 13.31 12.63 2.68
N VAL A 502 14.41 13.07 3.30
CA VAL A 502 14.46 14.43 3.82
C VAL A 502 14.44 15.44 2.67
N PHE A 503 15.33 15.27 1.69
CA PHE A 503 15.29 16.15 0.52
C PHE A 503 14.02 15.94 -0.30
N PRO A 504 13.60 14.71 -0.64
CA PRO A 504 12.34 14.56 -1.39
C PRO A 504 11.12 15.08 -0.64
N LEU A 505 11.07 14.94 0.68
CA LEU A 505 9.89 15.43 1.41
C LEU A 505 9.92 16.94 1.55
N GLN A 506 11.10 17.53 1.75
CA GLN A 506 11.18 18.98 1.87
C GLN A 506 10.90 19.70 0.56
N ARG A 507 10.90 18.99 -0.57
CA ARG A 507 10.46 19.55 -1.83
C ARG A 507 9.05 19.11 -2.21
N GLU A 508 8.58 17.98 -1.69
CA GLU A 508 7.21 17.54 -1.88
C GLU A 508 6.28 18.00 -0.77
N LYS A 509 6.80 18.67 0.25
CA LYS A 509 5.96 19.19 1.33
C LYS A 509 5.02 20.27 0.81
N GLN A 510 3.77 20.22 1.25
CA GLN A 510 2.78 21.21 0.90
C GLN A 510 2.23 21.82 2.17
N TYR A 511 1.63 23.00 2.06
CA TYR A 511 1.09 23.70 3.22
C TYR A 511 -0.43 23.59 3.21
N HIS A 512 -0.99 23.01 4.27
CA HIS A 512 -2.42 23.03 4.50
C HIS A 512 -2.73 24.24 5.38
N PRO A 513 -3.44 25.25 4.88
CA PRO A 513 -3.72 26.43 5.68
C PRO A 513 -4.80 26.20 6.72
N THR A 514 -5.83 25.42 6.37
CA THR A 514 -6.92 25.17 7.29
C THR A 514 -6.44 24.44 8.54
N LEU A 515 -5.58 23.44 8.37
CA LEU A 515 -4.91 22.81 9.50
C LEU A 515 -3.74 23.62 10.00
N ALA A 516 -3.31 24.64 9.25
CA ALA A 516 -2.17 25.48 9.62
C ALA A 516 -0.92 24.65 9.88
N MET A 517 -0.60 23.78 8.93
CA MET A 517 0.56 22.91 9.07
C MET A 517 1.03 22.50 7.68
N ASP A 518 2.02 21.61 7.65
CA ASP A 518 2.52 21.06 6.41
C ASP A 518 2.14 19.59 6.31
N ARG A 519 1.81 19.14 5.10
CA ARG A 519 1.42 17.77 4.84
C ARG A 519 2.18 17.23 3.63
N ILE A 520 2.42 15.93 3.66
CA ILE A 520 2.99 15.19 2.54
C ILE A 520 1.89 14.35 1.92
N TYR A 521 1.71 14.48 0.61
CA TYR A 521 0.67 13.77 -0.11
C TYR A 521 1.28 12.67 -0.97
N PRO A 522 1.14 11.41 -0.62
CA PRO A 522 1.70 10.33 -1.43
C PRO A 522 0.74 9.91 -2.54
N ILE A 523 1.26 9.10 -3.45
CA ILE A 523 0.49 8.54 -4.56
C ILE A 523 0.53 7.03 -4.45
N ALA A 524 -0.65 6.41 -4.40
CA ALA A 524 -0.75 4.96 -4.26
C ALA A 524 -0.81 4.29 -5.63
N GLN A 525 -0.13 3.15 -5.73
CA GLN A 525 -0.02 2.44 -7.01
C GLN A 525 -1.04 1.30 -7.13
N THR A 526 -1.04 0.38 -6.16
CA THR A 526 -2.03 -0.69 -6.02
C THR A 526 -2.04 -1.68 -7.18
N HIS A 527 -1.12 -1.57 -8.13
CA HIS A 527 -0.95 -2.60 -9.16
C HIS A 527 0.21 -3.50 -8.76
N THR A 528 0.00 -4.23 -7.66
CA THR A 528 0.99 -5.11 -7.07
C THR A 528 0.65 -6.57 -7.40
N ALA A 529 1.69 -7.37 -7.61
CA ALA A 529 1.50 -8.77 -7.95
C ALA A 529 0.81 -9.53 -6.83
N THR A 530 1.10 -9.18 -5.58
CA THR A 530 0.61 -9.91 -4.43
C THR A 530 -0.55 -9.22 -3.72
N GLY A 531 -1.07 -8.13 -4.28
CA GLY A 531 -2.22 -7.46 -3.72
C GLY A 531 -1.94 -6.37 -2.73
N ARG A 532 -0.68 -5.98 -2.54
CA ARG A 532 -0.33 -4.94 -1.59
C ARG A 532 -0.57 -3.55 -2.18
N VAL A 533 -0.33 -2.54 -1.36
CA VAL A 533 -0.43 -1.14 -1.76
C VAL A 533 0.93 -0.50 -1.54
N SER A 534 1.43 0.19 -2.58
CA SER A 534 2.71 0.88 -2.49
C SER A 534 2.50 2.37 -2.78
N PHE A 535 3.57 3.13 -2.60
CA PHE A 535 3.54 4.58 -2.83
C PHE A 535 4.80 5.00 -3.56
N THR A 536 4.65 5.88 -4.53
CA THR A 536 5.78 6.41 -5.29
C THR A 536 6.40 7.58 -4.53
N GLU A 537 7.28 8.33 -5.22
CA GLU A 537 7.96 9.57 -4.86
C GLU A 537 8.17 9.75 -3.35
N PRO A 538 7.22 10.30 -2.55
CA PRO A 538 7.55 10.49 -1.13
C PRO A 538 7.93 9.20 -0.41
N ASN A 539 7.29 8.08 -0.74
CA ASN A 539 7.58 6.77 -0.16
C ASN A 539 7.48 6.81 1.36
N ILE A 540 6.31 7.24 1.84
CA ILE A 540 6.10 7.33 3.29
C ILE A 540 6.16 5.95 3.93
N GLN A 541 5.80 4.90 3.19
CA GLN A 541 5.95 3.55 3.71
C GLN A 541 7.41 3.23 4.01
N ASN A 542 8.32 3.68 3.14
CA ASN A 542 9.74 3.38 3.24
C ASN A 542 10.48 4.35 4.14
N VAL A 543 9.78 5.26 4.81
CA VAL A 543 10.45 6.15 5.76
C VAL A 543 11.10 5.31 6.85
N PRO A 544 12.40 5.47 7.10
CA PRO A 544 13.09 4.55 8.02
C PRO A 544 12.60 4.70 9.46
N LYS A 545 12.74 3.60 10.19
CA LYS A 545 12.50 3.64 11.62
C LYS A 545 13.63 4.41 12.31
N ASP A 546 13.40 4.77 13.57
CA ASP A 546 14.35 5.58 14.31
C ASP A 546 15.69 4.86 14.46
N PHE A 547 16.78 5.57 14.18
CA PHE A 547 18.11 5.04 14.38
C PHE A 547 18.98 6.06 15.10
N GLU A 548 19.90 5.56 15.91
CA GLU A 548 20.66 6.39 16.84
C GLU A 548 21.95 6.90 16.21
N ILE A 549 22.32 8.11 16.60
CA ILE A 549 23.58 8.75 16.20
C ILE A 549 24.37 9.07 17.47
N CYS A 550 25.63 8.65 17.50
CA CYS A 550 26.50 8.87 18.64
C CYS A 550 27.36 10.10 18.43
N MET A 551 27.78 10.70 19.55
CA MET A 551 28.60 11.90 19.52
C MET A 551 30.04 11.58 19.09
N ALA A 592 23.20 11.10 22.81
CA ALA A 592 23.11 10.51 21.48
C ALA A 592 21.79 10.89 20.81
N PHE A 593 21.89 11.48 19.63
CA PHE A 593 20.70 11.88 18.90
C PHE A 593 19.94 10.66 18.39
N SER A 594 18.66 10.85 18.10
CA SER A 594 17.80 9.78 17.59
C SER A 594 17.14 10.28 16.32
N VAL A 595 17.69 9.91 15.17
CA VAL A 595 17.06 10.27 13.90
C VAL A 595 15.76 9.49 13.80
N SER A 596 14.64 10.20 13.93
CA SER A 596 13.31 9.63 13.85
C SER A 596 12.58 10.40 12.77
N MET A 597 12.75 9.96 11.52
CA MET A 597 12.07 10.64 10.42
C MET A 597 10.56 10.51 10.56
N ARG A 598 10.08 9.46 11.24
CA ARG A 598 8.65 9.32 11.49
C ARG A 598 8.17 10.37 12.49
N HIS A 599 9.04 10.78 13.42
CA HIS A 599 8.69 11.83 14.37
C HIS A 599 8.42 13.15 13.67
N ALA A 600 8.93 13.33 12.45
CA ALA A 600 8.60 14.50 11.65
C ALA A 600 7.17 14.47 11.14
N PHE A 601 6.47 13.34 11.29
CA PHE A 601 5.09 13.22 10.85
C PHE A 601 4.18 13.37 12.06
N VAL A 602 3.31 14.39 12.01
CA VAL A 602 2.60 14.84 13.19
C VAL A 602 1.12 15.02 12.87
N PRO A 603 0.24 14.92 13.85
CA PRO A 603 -1.17 15.25 13.63
C PRO A 603 -1.40 16.76 13.70
N PHE A 604 -2.63 17.15 13.41
CA PHE A 604 -3.03 18.54 13.54
C PHE A 604 -3.00 18.97 15.00
N SER A 605 -3.25 20.25 15.27
CA SER A 605 -3.27 20.74 16.64
C SER A 605 -4.43 20.10 17.40
N GLY A 606 -4.17 19.61 18.60
CA GLY A 606 -5.18 18.94 19.38
C GLY A 606 -5.54 17.56 18.90
N GLY A 607 -4.64 16.91 18.16
CA GLY A 607 -4.90 15.58 17.64
C GLY A 607 -3.78 14.62 18.03
N MET A 608 -4.06 13.34 17.84
CA MET A 608 -3.12 12.29 18.18
C MET A 608 -2.98 11.32 17.00
N ILE A 609 -1.79 10.80 16.81
CA ILE A 609 -1.56 9.73 15.86
C ILE A 609 -1.96 8.41 16.50
N LEU A 610 -2.80 7.64 15.79
CA LEU A 610 -3.23 6.32 16.23
C LEU A 610 -2.83 5.31 15.16
N ALA A 611 -2.05 4.30 15.56
CA ALA A 611 -1.52 3.31 14.63
C ALA A 611 -1.91 1.92 15.12
N ALA A 612 -2.64 1.17 14.29
CA ALA A 612 -3.08 -0.18 14.64
C ALA A 612 -2.39 -1.18 13.71
N ASP A 613 -1.46 -1.94 14.27
CA ASP A 613 -0.68 -2.92 13.53
C ASP A 613 -1.17 -4.33 13.84
N TYR A 614 -1.48 -5.09 12.79
CA TYR A 614 -1.83 -6.50 12.95
C TYR A 614 -0.68 -7.26 13.61
N SER A 615 -1.01 -8.06 14.62
CA SER A 615 -0.01 -8.89 15.29
C SER A 615 0.15 -10.20 14.54
N GLN A 616 1.36 -10.51 14.12
CA GLN A 616 1.73 -11.72 13.36
C GLN A 616 0.63 -12.10 12.37
N LEU A 617 0.35 -11.16 11.46
CA LEU A 617 -0.80 -11.29 10.58
C LEU A 617 -0.67 -12.49 9.64
N GLU A 618 0.45 -12.59 8.94
CA GLU A 618 0.58 -13.63 7.93
C GLU A 618 0.73 -15.02 8.55
N LEU A 619 1.25 -15.10 9.77
CA LEU A 619 1.23 -16.38 10.47
C LEU A 619 -0.19 -16.85 10.73
N ARG A 620 -1.06 -15.95 11.19
CA ARG A 620 -2.47 -16.31 11.40
C ARG A 620 -3.15 -16.68 10.09
N VAL A 621 -2.88 -15.92 9.03
CA VAL A 621 -3.49 -16.22 7.74
C VAL A 621 -3.02 -17.58 7.24
N LEU A 622 -1.73 -17.88 7.41
CA LEU A 622 -1.21 -19.18 7.01
C LEU A 622 -1.83 -20.30 7.84
N ALA A 623 -2.04 -20.06 9.14
CA ALA A 623 -2.70 -21.05 9.98
C ALA A 623 -4.10 -21.33 9.47
N HIS A 624 -4.85 -20.28 9.09
CA HIS A 624 -6.19 -20.49 8.58
C HIS A 624 -6.16 -21.24 7.25
N LEU A 625 -5.27 -20.84 6.35
CA LEU A 625 -5.23 -21.47 5.02
C LEU A 625 -4.79 -22.92 5.09
N SER A 626 -3.77 -23.21 5.90
CA SER A 626 -3.26 -24.57 6.04
C SER A 626 -4.11 -25.43 6.97
N LYS A 627 -5.02 -24.82 7.74
CA LYS A 627 -5.79 -25.52 8.76
C LYS A 627 -4.87 -26.23 9.76
N ASP A 628 -3.66 -25.71 9.93
CA ASP A 628 -2.66 -26.33 10.79
C ASP A 628 -3.10 -26.19 12.25
N GLN A 629 -3.58 -27.29 12.83
CA GLN A 629 -4.15 -27.24 14.16
C GLN A 629 -3.12 -26.85 15.22
N ARG A 630 -1.85 -27.23 15.02
CA ARG A 630 -0.80 -26.84 15.95
C ARG A 630 -0.65 -25.32 15.99
N LEU A 631 -0.49 -24.70 14.82
CA LEU A 631 -0.35 -23.25 14.77
C LEU A 631 -1.62 -22.56 15.24
N LEU A 632 -2.78 -23.10 14.87
CA LEU A 632 -4.05 -22.52 15.30
C LEU A 632 -4.14 -22.48 16.82
N GLN A 633 -3.86 -23.62 17.48
CA GLN A 633 -3.98 -23.67 18.93
C GLN A 633 -2.87 -22.87 19.62
N VAL A 634 -1.71 -22.72 18.96
CA VAL A 634 -0.65 -21.90 19.54
C VAL A 634 -1.03 -20.42 19.50
N LEU A 635 -1.57 -19.95 18.37
CA LEU A 635 -1.82 -18.51 18.22
C LEU A 635 -3.21 -18.10 18.65
N ASN A 636 -4.11 -19.03 18.99
CA ASN A 636 -5.39 -18.66 19.58
C ASN A 636 -5.32 -18.54 21.09
N GLY A 637 -4.21 -18.93 21.71
CA GLY A 637 -4.02 -18.82 23.13
C GLY A 637 -3.28 -17.58 23.60
N GLY A 638 -3.08 -16.60 22.71
CA GLY A 638 -2.40 -15.38 23.08
C GLY A 638 -0.88 -15.45 23.07
N ALA A 639 -0.30 -16.56 22.61
CA ALA A 639 1.13 -16.68 22.56
C ALA A 639 1.70 -15.96 21.34
N ASP A 640 2.89 -15.38 21.52
CA ASP A 640 3.60 -14.71 20.44
C ASP A 640 4.56 -15.71 19.80
N VAL A 641 4.26 -16.09 18.55
CA VAL A 641 5.05 -17.12 17.90
C VAL A 641 6.45 -16.62 17.57
N PHE A 642 6.57 -15.37 17.12
CA PHE A 642 7.88 -14.82 16.79
C PHE A 642 8.77 -14.75 18.03
N ARG A 643 8.18 -14.39 19.17
CA ARG A 643 8.96 -14.36 20.42
C ARG A 643 9.49 -15.75 20.76
N CYS A 644 8.66 -16.77 20.63
CA CYS A 644 9.10 -18.14 20.92
C CYS A 644 10.16 -18.60 19.93
N ILE A 645 10.01 -18.24 18.65
CA ILE A 645 11.01 -18.60 17.65
C ILE A 645 12.35 -17.97 18.00
N ALA A 646 12.34 -16.68 18.37
CA ALA A 646 13.57 -16.02 18.76
C ALA A 646 14.16 -16.67 20.02
N ALA A 647 13.30 -17.02 20.97
CA ALA A 647 13.79 -17.63 22.21
C ALA A 647 14.47 -18.97 21.95
N GLU A 648 13.83 -19.83 21.17
CA GLU A 648 14.44 -21.12 20.86
C GLU A 648 15.69 -20.97 19.99
N TRP A 649 15.74 -19.93 19.16
CA TRP A 649 16.95 -19.68 18.38
C TRP A 649 18.11 -19.27 19.28
N LYS A 650 17.85 -18.42 20.27
CA LYS A 650 18.92 -17.88 21.11
C LYS A 650 19.00 -18.53 22.49
N GLY A 651 18.00 -19.31 22.89
CA GLY A 651 18.03 -19.95 24.19
C GLY A 651 17.63 -19.07 25.35
N VAL A 652 17.27 -17.81 25.09
CA VAL A 652 16.88 -16.88 26.15
C VAL A 652 15.39 -17.03 26.45
N ASP A 653 14.95 -16.48 27.56
CA ASP A 653 13.54 -16.52 27.92
C ASP A 653 12.72 -15.76 26.89
N PRO A 654 11.56 -16.27 26.49
CA PRO A 654 10.74 -15.55 25.48
C PRO A 654 10.33 -14.17 25.91
N GLU A 655 10.07 -13.94 27.21
CA GLU A 655 9.69 -12.62 27.67
C GLU A 655 10.83 -11.62 27.60
N THR A 656 12.06 -12.06 27.35
CA THR A 656 13.22 -11.18 27.28
C THR A 656 13.74 -11.05 25.84
N VAL A 657 12.86 -11.18 24.86
CA VAL A 657 13.24 -11.10 23.46
C VAL A 657 13.26 -9.65 23.02
N ASN A 658 14.39 -9.19 22.50
CA ASN A 658 14.51 -7.84 21.99
C ASN A 658 13.66 -7.67 20.74
N ASP A 659 13.20 -6.44 20.51
CA ASP A 659 12.41 -6.16 19.32
C ASP A 659 13.24 -6.34 18.06
N SER A 660 14.51 -5.93 18.09
CA SER A 660 15.39 -6.16 16.95
C SER A 660 15.63 -7.66 16.75
N LEU A 661 15.83 -8.40 17.84
CA LEU A 661 16.03 -9.84 17.74
C LEU A 661 14.75 -10.56 17.34
N ARG A 662 13.59 -9.98 17.63
CA ARG A 662 12.33 -10.55 17.17
C ARG A 662 12.11 -10.29 15.68
N GLN A 663 12.66 -9.21 15.14
CA GLN A 663 12.58 -8.97 13.71
C GLN A 663 13.32 -10.04 12.93
N GLN A 664 14.47 -10.48 13.44
CA GLN A 664 15.18 -11.58 12.81
C GLN A 664 14.37 -12.86 12.85
N ALA A 665 13.69 -13.12 13.98
CA ALA A 665 12.84 -14.31 14.07
C ALA A 665 11.68 -14.23 13.07
N LYS A 666 11.08 -13.04 12.93
CA LYS A 666 10.03 -12.85 11.93
C LYS A 666 10.55 -13.11 10.52
N GLN A 667 11.74 -12.59 10.21
CA GLN A 667 12.32 -12.81 8.89
C GLN A 667 12.60 -14.28 8.64
N ILE A 668 13.14 -14.98 9.65
CA ILE A 668 13.45 -16.40 9.51
C ILE A 668 12.17 -17.19 9.28
N CYS A 669 11.14 -16.93 10.10
CA CYS A 669 9.88 -17.64 9.97
C CYS A 669 9.27 -17.44 8.59
N TYR A 670 9.15 -16.18 8.16
CA TYR A 670 8.49 -15.90 6.89
C TYR A 670 9.33 -16.40 5.71
N GLY A 671 10.66 -16.32 5.81
CA GLY A 671 11.49 -16.86 4.75
C GLY A 671 11.36 -18.36 4.62
N ILE A 672 11.41 -19.08 5.74
CA ILE A 672 11.21 -20.52 5.71
C ILE A 672 9.86 -20.85 5.11
N ILE A 673 8.83 -20.07 5.46
CA ILE A 673 7.51 -20.30 4.89
C ILE A 673 7.53 -20.10 3.37
N TYR A 674 8.22 -19.06 2.90
CA TYR A 674 8.11 -18.60 1.54
C TYR A 674 9.22 -19.11 0.63
N GLY A 675 9.87 -20.21 0.99
CA GLY A 675 10.77 -20.89 0.08
C GLY A 675 12.25 -20.60 0.25
N MET A 676 12.66 -19.98 1.34
CA MET A 676 14.07 -19.70 1.56
C MET A 676 14.87 -20.99 1.58
N GLY A 677 16.00 -20.99 0.87
CA GLY A 677 16.88 -22.13 0.83
C GLY A 677 17.73 -22.24 2.08
N ALA A 678 18.56 -23.28 2.09
CA ALA A 678 19.41 -23.52 3.26
C ALA A 678 20.57 -22.53 3.35
N LYS A 679 21.10 -22.08 2.21
CA LYS A 679 22.20 -21.12 2.25
C LYS A 679 21.72 -19.76 2.78
N SER A 680 20.58 -19.29 2.30
CA SER A 680 20.04 -18.02 2.78
C SER A 680 19.67 -18.10 4.25
N LEU A 681 19.11 -19.24 4.69
CA LEU A 681 18.78 -19.39 6.09
C LEU A 681 20.04 -19.43 6.95
N GLY A 682 21.09 -20.08 6.47
CA GLY A 682 22.36 -20.04 7.18
C GLY A 682 22.91 -18.64 7.28
N GLU A 683 22.79 -17.86 6.22
CA GLU A 683 23.23 -16.47 6.26
C GLU A 683 22.44 -15.67 7.28
N GLN A 684 21.12 -15.85 7.31
CA GLN A 684 20.27 -15.04 8.17
C GLN A 684 20.25 -15.52 9.62
N MET A 685 20.71 -16.75 9.89
CA MET A 685 20.76 -17.27 11.25
C MET A 685 22.17 -17.45 11.79
N GLY A 686 23.19 -17.47 10.92
CA GLY A 686 24.53 -17.75 11.33
C GLY A 686 24.85 -19.22 11.51
N VAL A 687 23.87 -20.11 11.30
CA VAL A 687 24.08 -21.54 11.40
C VAL A 687 24.67 -22.06 10.10
N GLU A 688 25.16 -23.30 10.11
CA GLU A 688 25.76 -23.88 8.93
C GLU A 688 24.67 -24.28 7.93
N GLU A 689 25.13 -24.67 6.73
CA GLU A 689 24.19 -25.11 5.69
C GLU A 689 23.40 -26.32 6.13
N ASN A 690 24.08 -27.31 6.72
CA ASN A 690 23.39 -28.50 7.21
C ASN A 690 22.45 -28.14 8.36
N ASP A 691 22.89 -27.25 9.25
CA ASP A 691 22.03 -26.83 10.36
C ASP A 691 20.78 -26.12 9.85
N ALA A 692 20.93 -25.26 8.85
CA ALA A 692 19.79 -24.56 8.28
C ALA A 692 18.84 -25.53 7.59
N ALA A 693 19.39 -26.50 6.85
CA ALA A 693 18.56 -27.50 6.18
C ALA A 693 17.77 -28.32 7.21
N CYS A 694 18.45 -28.74 8.28
CA CYS A 694 17.76 -29.48 9.33
C CYS A 694 16.72 -28.61 10.05
N TYR A 695 16.98 -27.31 10.17
CA TYR A 695 16.01 -26.43 10.78
C TYR A 695 14.75 -26.33 9.93
N ILE A 696 14.91 -26.18 8.62
CA ILE A 696 13.73 -26.15 7.73
C ILE A 696 13.01 -27.49 7.76
N GLU A 697 13.75 -28.59 7.79
CA GLU A 697 13.14 -29.92 7.83
C GLU A 697 12.31 -30.09 9.10
N SER A 698 12.88 -29.74 10.26
CA SER A 698 12.14 -29.86 11.51
C SER A 698 10.99 -28.87 11.58
N PHE A 699 11.13 -27.71 10.92
CA PHE A 699 10.05 -26.74 10.88
C PHE A 699 8.86 -27.29 10.10
N LYS A 700 9.13 -27.91 8.95
CA LYS A 700 8.06 -28.50 8.17
C LYS A 700 7.47 -29.72 8.87
N ALA A 701 8.30 -30.51 9.54
CA ALA A 701 7.80 -31.69 10.24
C ALA A 701 6.94 -31.30 11.44
N ARG A 702 7.32 -30.25 12.15
CA ARG A 702 6.55 -29.81 13.30
C ARG A 702 5.20 -29.23 12.88
N TYR A 703 5.20 -28.37 11.86
CA TYR A 703 3.98 -27.80 11.32
C TYR A 703 3.61 -28.58 10.05
N LYS A 704 3.07 -29.78 10.26
CA LYS A 704 2.72 -30.66 9.14
C LYS A 704 1.68 -30.02 8.22
N GLY A 705 0.70 -29.32 8.81
CA GLY A 705 -0.31 -28.69 8.00
C GLY A 705 0.27 -27.63 7.07
N ILE A 706 1.27 -26.89 7.54
CA ILE A 706 1.88 -25.85 6.72
C ILE A 706 2.63 -26.45 5.55
N ASN A 707 3.42 -27.51 5.80
CA ASN A 707 4.14 -28.15 4.71
C ASN A 707 3.19 -28.79 3.71
N ALA A 708 2.13 -29.44 4.20
CA ALA A 708 1.12 -29.98 3.31
C ALA A 708 0.47 -28.88 2.48
N PHE A 709 0.22 -27.73 3.11
CA PHE A 709 -0.34 -26.59 2.38
C PHE A 709 0.61 -26.10 1.31
N LEU A 710 1.91 -26.05 1.60
CA LEU A 710 2.88 -25.63 0.59
C LEU A 710 2.88 -26.58 -0.60
N LYS A 711 2.97 -27.88 -0.33
CA LYS A 711 3.01 -28.85 -1.43
C LYS A 711 1.71 -28.85 -2.22
N GLU A 712 0.57 -28.76 -1.53
CA GLU A 712 -0.71 -28.75 -2.22
C GLU A 712 -0.90 -27.47 -3.02
N THR A 713 -0.41 -26.34 -2.52
CA THR A 713 -0.47 -25.10 -3.27
C THR A 713 0.37 -25.19 -4.53
N VAL A 714 1.57 -25.76 -4.43
CA VAL A 714 2.40 -25.93 -5.63
C VAL A 714 1.72 -26.86 -6.63
N LYS A 715 1.14 -27.97 -6.15
CA LYS A 715 0.49 -28.91 -7.05
C LYS A 715 -0.72 -28.28 -7.73
N ASN A 716 -1.54 -27.55 -6.99
CA ASN A 716 -2.69 -26.89 -7.59
C ASN A 716 -2.27 -25.77 -8.52
N CYS A 717 -1.13 -25.12 -8.25
CA CYS A 717 -0.60 -24.14 -9.18
C CYS A 717 -0.17 -24.80 -10.49
N ILE A 718 0.49 -25.96 -10.39
CA ILE A 718 0.87 -26.69 -11.60
C ILE A 718 -0.37 -27.10 -12.39
N LYS A 719 -1.38 -27.62 -11.70
CA LYS A 719 -2.60 -28.06 -12.38
C LYS A 719 -3.35 -26.89 -13.02
N ASN A 720 -3.46 -25.77 -12.30
CA ASN A 720 -4.28 -24.65 -12.74
C ASN A 720 -3.48 -23.54 -13.43
N GLY A 721 -2.18 -23.44 -13.18
CA GLY A 721 -1.39 -22.34 -13.66
C GLY A 721 -1.40 -21.12 -12.77
N TYR A 722 -2.31 -21.08 -11.79
CA TYR A 722 -2.48 -19.94 -10.91
C TYR A 722 -2.63 -20.40 -9.47
N VAL A 723 -2.35 -19.49 -8.54
CA VAL A 723 -2.67 -19.70 -7.14
C VAL A 723 -3.76 -18.72 -6.75
N GLN A 724 -4.41 -19.02 -5.62
CA GLN A 724 -5.57 -18.29 -5.15
C GLN A 724 -5.39 -17.94 -3.68
N THR A 725 -5.95 -16.79 -3.29
CA THR A 725 -5.83 -16.29 -1.93
C THR A 725 -7.05 -16.69 -1.11
N LEU A 726 -7.07 -16.22 0.14
CA LEU A 726 -8.15 -16.55 1.06
C LEU A 726 -9.50 -16.04 0.55
N MET A 727 -9.49 -14.94 -0.19
CA MET A 727 -10.73 -14.31 -0.62
C MET A 727 -10.90 -14.28 -2.14
N GLY A 728 -10.08 -15.01 -2.89
CA GLY A 728 -10.35 -15.29 -4.28
C GLY A 728 -9.46 -14.65 -5.31
N ARG A 729 -8.43 -13.90 -4.91
CA ARG A 729 -7.50 -13.35 -5.89
C ARG A 729 -6.61 -14.44 -6.46
N ARG A 730 -6.47 -14.44 -7.78
CA ARG A 730 -5.65 -15.43 -8.48
C ARG A 730 -4.46 -14.75 -9.12
N ARG A 731 -3.27 -15.33 -8.91
CA ARG A 731 -2.06 -14.92 -9.60
C ARG A 731 -1.63 -16.06 -10.52
N TYR A 732 -1.50 -15.76 -11.81
CA TYR A 732 -1.09 -16.74 -12.80
C TYR A 732 0.43 -16.79 -12.90
N LEU A 733 0.99 -17.99 -12.79
CA LEU A 733 2.43 -18.20 -12.84
C LEU A 733 2.74 -19.23 -13.93
N PRO A 734 2.87 -18.78 -15.18
CA PRO A 734 3.19 -19.73 -16.26
C PRO A 734 4.53 -20.42 -16.08
N GLY A 735 5.45 -19.85 -15.30
CA GLY A 735 6.73 -20.47 -15.06
C GLY A 735 6.72 -21.63 -14.09
N ILE A 736 5.54 -22.03 -13.61
CA ILE A 736 5.45 -23.13 -12.68
C ILE A 736 5.78 -24.46 -13.35
N SER A 737 5.45 -24.59 -14.63
CA SER A 737 5.73 -25.80 -15.39
C SER A 737 6.94 -25.64 -16.33
N ASN A 738 7.67 -24.53 -16.20
CA ASN A 738 8.82 -24.29 -17.06
C ASN A 738 9.89 -25.34 -16.80
N THR A 739 10.62 -25.71 -17.87
CA THR A 739 11.60 -26.78 -17.76
C THR A 739 12.83 -26.35 -16.97
N ASN A 740 13.21 -25.07 -17.05
CA ASN A 740 14.35 -24.59 -16.28
C ASN A 740 14.07 -24.68 -14.79
N THR A 741 15.02 -25.23 -14.04
CA THR A 741 14.82 -25.46 -12.61
C THR A 741 14.68 -24.15 -11.85
N HIS A 742 15.50 -23.15 -12.20
CA HIS A 742 15.49 -21.89 -11.47
C HIS A 742 14.14 -21.17 -11.62
N ILE A 743 13.62 -21.12 -12.85
CA ILE A 743 12.33 -20.47 -13.07
C ILE A 743 11.21 -21.22 -12.36
N LYS A 744 11.26 -22.56 -12.41
CA LYS A 744 10.25 -23.36 -11.74
C LYS A 744 10.25 -23.11 -10.23
N ALA A 745 11.44 -23.08 -9.62
CA ALA A 745 11.54 -22.84 -8.19
C ALA A 745 11.08 -21.44 -7.83
N HIS A 746 11.45 -20.44 -8.65
CA HIS A 746 11.01 -19.08 -8.41
C HIS A 746 9.49 -18.98 -8.47
N ALA A 747 8.88 -19.66 -9.45
CA ALA A 747 7.42 -19.65 -9.53
C ALA A 747 6.78 -20.37 -8.36
N GLU A 748 7.40 -21.43 -7.85
CA GLU A 748 6.86 -22.12 -6.68
C GLU A 748 6.86 -21.21 -5.46
N ARG A 749 8.00 -20.57 -5.19
CA ARG A 749 8.09 -19.65 -4.07
C ARG A 749 7.11 -18.50 -4.23
N GLN A 750 7.01 -17.95 -5.44
CA GLN A 750 6.06 -16.89 -5.69
C GLN A 750 4.63 -17.35 -5.51
N ALA A 751 4.32 -18.60 -5.85
CA ALA A 751 2.97 -19.11 -5.69
C ALA A 751 2.58 -19.18 -4.21
N VAL A 752 3.43 -19.80 -3.39
CA VAL A 752 3.12 -19.91 -1.96
C VAL A 752 3.04 -18.52 -1.32
N ASN A 753 4.02 -17.67 -1.63
CA ASN A 753 4.04 -16.34 -1.03
C ASN A 753 2.85 -15.53 -1.49
N THR A 754 2.47 -15.64 -2.76
CA THR A 754 1.31 -14.91 -3.24
C THR A 754 0.05 -15.37 -2.54
N THR A 755 -0.14 -16.67 -2.40
CA THR A 755 -1.28 -17.17 -1.65
C THR A 755 -1.37 -16.48 -0.28
N VAL A 756 -0.33 -16.64 0.54
CA VAL A 756 -0.43 -16.18 1.92
C VAL A 756 -0.46 -14.65 2.00
N GLN A 757 0.41 -13.98 1.25
CA GLN A 757 0.54 -12.53 1.34
C GLN A 757 -0.65 -11.82 0.71
N GLY A 758 -1.20 -12.36 -0.38
CA GLY A 758 -2.42 -11.81 -0.93
C GLY A 758 -3.61 -12.01 -0.02
N SER A 759 -3.67 -13.15 0.67
CA SER A 759 -4.73 -13.34 1.66
C SER A 759 -4.62 -12.31 2.78
N ALA A 760 -3.40 -12.07 3.26
CA ALA A 760 -3.19 -11.06 4.29
C ALA A 760 -3.54 -9.66 3.79
N ALA A 761 -3.20 -9.35 2.54
CA ALA A 761 -3.55 -8.06 1.97
C ALA A 761 -5.06 -7.89 1.86
N ASP A 762 -5.78 -8.95 1.48
CA ASP A 762 -7.22 -8.91 1.45
C ASP A 762 -7.80 -8.64 2.83
N ILE A 763 -7.26 -9.30 3.85
CA ILE A 763 -7.73 -9.10 5.21
C ILE A 763 -7.50 -7.66 5.64
N VAL A 764 -6.32 -7.11 5.32
CA VAL A 764 -6.02 -5.73 5.69
C VAL A 764 -6.94 -4.75 4.99
N LYS A 765 -7.20 -4.98 3.70
CA LYS A 765 -8.10 -4.08 2.97
C LYS A 765 -9.52 -4.13 3.54
N LEU A 766 -10.02 -5.33 3.84
CA LEU A 766 -11.34 -5.44 4.43
C LEU A 766 -11.40 -4.80 5.81
N ALA A 767 -10.34 -4.95 6.59
CA ALA A 767 -10.29 -4.30 7.90
C ALA A 767 -10.34 -2.78 7.75
N THR A 768 -9.60 -2.24 6.78
CA THR A 768 -9.62 -0.80 6.54
C THR A 768 -11.03 -0.34 6.15
N VAL A 769 -11.69 -1.10 5.27
CA VAL A 769 -13.03 -0.73 4.84
C VAL A 769 -14.01 -0.76 6.00
N ASN A 770 -13.92 -1.79 6.84
CA ASN A 770 -14.81 -1.89 7.99
C ASN A 770 -14.56 -0.78 9.00
N ILE A 771 -13.28 -0.43 9.22
CA ILE A 771 -12.96 0.68 10.11
C ILE A 771 -13.57 1.97 9.58
N GLN A 772 -13.43 2.20 8.27
CA GLN A 772 -13.98 3.42 7.69
C GLN A 772 -15.50 3.48 7.83
N LYS A 773 -16.17 2.35 7.57
CA LYS A 773 -17.63 2.32 7.70
C LYS A 773 -18.07 2.58 9.14
N ARG A 774 -17.40 1.95 10.11
CA ARG A 774 -17.75 2.17 11.51
C ARG A 774 -17.49 3.60 11.94
N LEU A 775 -16.38 4.18 11.47
CA LEU A 775 -16.07 5.57 11.80
C LEU A 775 -17.12 6.51 11.23
N ARG A 776 -17.59 6.24 10.01
CA ARG A 776 -18.63 7.10 9.45
C ARG A 776 -19.97 6.89 10.15
N LYS A 777 -20.22 5.68 10.66
CA LYS A 777 -21.39 5.47 11.49
C LYS A 777 -21.31 6.27 12.79
N THR A 778 -20.13 6.26 13.42
CA THR A 778 -19.96 6.92 14.71
C THR A 778 -19.87 8.44 14.59
N TYR A 779 -19.25 8.94 13.52
CA TYR A 779 -19.04 10.37 13.33
C TYR A 779 -19.55 10.77 11.96
N PRO A 780 -20.87 10.77 11.76
CA PRO A 780 -21.41 11.10 10.43
C PRO A 780 -21.14 12.53 10.01
N THR A 781 -20.99 13.46 10.95
CA THR A 781 -20.77 14.86 10.63
C THR A 781 -19.30 15.23 10.49
N ALA A 782 -18.39 14.32 10.81
CA ALA A 782 -16.97 14.60 10.65
C ALA A 782 -16.60 14.70 9.17
N PRO A 783 -15.58 15.49 8.84
CA PRO A 783 -15.12 15.53 7.45
C PRO A 783 -14.44 14.23 7.05
N LEU A 784 -14.66 13.82 5.80
CA LEU A 784 -14.11 12.56 5.32
C LEU A 784 -12.58 12.60 5.27
N SER A 785 -12.01 13.73 4.85
CA SER A 785 -10.57 13.87 4.78
C SER A 785 -10.19 15.31 5.12
N HIS A 786 -8.88 15.57 5.15
CA HIS A 786 -8.40 16.91 5.45
C HIS A 786 -8.60 17.88 4.30
N GLN A 787 -8.89 17.38 3.11
CA GLN A 787 -9.17 18.24 1.96
C GLN A 787 -10.66 18.48 1.74
N HIS A 788 -11.52 17.93 2.60
CA HIS A 788 -12.95 18.19 2.47
C HIS A 788 -13.38 19.51 3.08
N THR A 789 -12.48 20.19 3.78
CA THR A 789 -12.78 21.50 4.36
C THR A 789 -11.93 22.58 3.71
N LEU A 803 -10.98 17.20 12.53
CA LEU A 803 -11.72 17.52 13.75
C LEU A 803 -11.99 16.24 14.56
N ARG A 804 -13.16 15.64 14.33
CA ARG A 804 -13.60 14.49 15.11
C ARG A 804 -13.40 13.20 14.32
N GLY A 805 -13.07 12.13 15.04
CA GLY A 805 -12.90 10.83 14.42
C GLY A 805 -11.46 10.52 14.09
N ALA A 806 -11.25 9.79 13.00
CA ALA A 806 -9.92 9.43 12.51
C ALA A 806 -9.85 9.70 11.01
N PHE A 807 -8.64 9.67 10.46
CA PHE A 807 -8.43 10.15 9.11
C PHE A 807 -7.64 9.25 8.18
N PHE A 808 -6.97 8.20 8.68
CA PHE A 808 -6.28 7.22 7.84
C PHE A 808 -5.20 7.88 6.97
N VAL A 809 -4.15 8.34 7.67
CA VAL A 809 -3.09 9.08 7.00
C VAL A 809 -2.05 8.19 6.32
N LEU A 810 -1.91 6.93 6.74
CA LEU A 810 -0.94 6.04 6.09
C LEU A 810 -1.37 4.59 6.25
N GLN A 811 -0.93 3.75 5.30
CA GLN A 811 -1.12 2.31 5.34
C GLN A 811 0.24 1.63 5.20
N LEU A 812 0.54 0.69 6.09
CA LEU A 812 1.82 -0.02 6.12
C LEU A 812 1.64 -1.51 5.93
N HIS A 813 0.69 -1.88 5.07
CA HIS A 813 0.43 -3.23 4.58
C HIS A 813 -0.17 -4.16 5.63
N ASP A 814 -0.08 -3.80 6.91
CA ASP A 814 -0.89 -4.44 7.94
C ASP A 814 -1.27 -3.39 8.98
N GLU A 815 -0.61 -2.25 8.93
CA GLU A 815 -0.75 -1.19 9.91
C GLU A 815 -1.53 -0.03 9.33
N LEU A 816 -2.38 0.58 10.15
CA LEU A 816 -3.22 1.68 9.74
C LEU A 816 -3.00 2.85 10.70
N ILE A 817 -2.44 3.94 10.16
CA ILE A 817 -2.25 5.18 10.92
C ILE A 817 -3.45 6.07 10.67
N TYR A 818 -4.04 6.60 11.74
CA TYR A 818 -5.34 7.24 11.58
C TYR A 818 -5.41 8.70 12.00
N GLU A 819 -4.56 9.17 12.91
CA GLU A 819 -4.50 10.60 13.26
C GLU A 819 -5.83 11.10 13.82
N THR A 820 -6.17 10.60 15.00
CA THR A 820 -7.43 10.91 15.65
C THR A 820 -7.30 12.11 16.60
N ARG A 821 -8.46 12.59 17.04
CA ARG A 821 -8.57 13.68 17.99
C ARG A 821 -8.27 13.18 19.41
N GLU A 822 -7.85 14.11 20.28
CA GLU A 822 -7.46 13.73 21.64
C GLU A 822 -8.63 13.14 22.42
N GLU A 823 -9.80 13.75 22.34
CA GLU A 823 -10.94 13.24 23.10
C GLU A 823 -11.57 12.01 22.44
N ASP A 824 -11.53 11.93 21.11
CA ASP A 824 -12.07 10.79 20.38
C ASP A 824 -11.09 9.63 20.28
N LEU A 825 -9.89 9.79 20.85
CA LEU A 825 -8.87 8.74 20.79
C LEU A 825 -9.38 7.40 21.28
N ILE A 826 -10.03 7.38 22.45
CA ILE A 826 -10.41 6.11 23.06
C ILE A 826 -11.48 5.41 22.23
N GLN A 827 -12.52 6.16 21.83
CA GLN A 827 -13.59 5.56 21.03
C GLN A 827 -13.07 5.09 19.68
N VAL A 828 -12.18 5.87 19.06
CA VAL A 828 -11.62 5.49 17.76
C VAL A 828 -10.77 4.23 17.90
N ALA A 829 -9.99 4.14 18.98
CA ALA A 829 -9.18 2.95 19.19
C ALA A 829 -10.04 1.72 19.41
N GLN A 830 -11.12 1.85 20.19
CA GLN A 830 -12.05 0.74 20.36
C GLN A 830 -12.64 0.29 19.04
N ILE A 831 -13.09 1.26 18.23
CA ILE A 831 -13.69 0.95 16.93
C ILE A 831 -12.67 0.25 16.03
N VAL A 832 -11.45 0.78 15.99
CA VAL A 832 -10.42 0.27 15.11
C VAL A 832 -10.06 -1.16 15.50
N LYS A 833 -9.88 -1.40 16.81
CA LYS A 833 -9.54 -2.74 17.26
C LYS A 833 -10.64 -3.73 16.95
N ARG A 834 -11.90 -3.35 17.23
CA ARG A 834 -13.02 -4.24 16.96
C ARG A 834 -13.10 -4.58 15.48
N GLU A 835 -12.95 -3.59 14.61
CA GLU A 835 -13.09 -3.87 13.19
C GLU A 835 -11.90 -4.67 12.64
N MET A 836 -10.69 -4.38 13.11
CA MET A 836 -9.54 -5.15 12.65
C MET A 836 -9.59 -6.58 13.16
N GLU A 837 -10.25 -6.82 14.29
CA GLU A 837 -10.40 -8.20 14.77
C GLU A 837 -11.59 -8.92 14.17
N SER A 838 -12.61 -8.20 13.70
CA SER A 838 -13.79 -8.82 13.13
C SER A 838 -13.89 -8.68 11.62
N ALA A 839 -12.81 -8.22 10.95
CA ALA A 839 -12.83 -8.08 9.49
C ALA A 839 -13.24 -9.38 8.80
N VAL A 840 -12.57 -10.48 9.12
CA VAL A 840 -12.88 -11.77 8.51
C VAL A 840 -13.01 -12.82 9.61
N LYS A 841 -13.91 -13.76 9.40
CA LYS A 841 -14.11 -14.88 10.31
C LYS A 841 -13.25 -16.04 9.84
N LEU A 842 -12.20 -16.35 10.60
CA LEU A 842 -11.29 -17.43 10.29
C LEU A 842 -11.20 -18.36 11.50
N TYR A 843 -10.44 -19.43 11.37
CA TYR A 843 -10.13 -20.24 12.54
C TYR A 843 -9.18 -19.53 13.49
N VAL A 844 -8.60 -18.40 13.06
CA VAL A 844 -7.67 -17.63 13.86
C VAL A 844 -8.36 -16.38 14.38
N LYS A 845 -7.76 -15.79 15.41
CA LYS A 845 -8.16 -14.48 15.90
C LYS A 845 -7.16 -13.44 15.43
N LEU A 846 -7.68 -12.32 14.93
CA LEU A 846 -6.84 -11.27 14.33
C LEU A 846 -6.56 -10.18 15.35
N LYS A 847 -5.64 -10.48 16.27
CA LYS A 847 -5.30 -9.56 17.34
C LYS A 847 -4.58 -8.34 16.78
N ALA A 848 -5.20 -7.17 16.92
CA ALA A 848 -4.64 -5.92 16.45
C ALA A 848 -4.05 -5.14 17.62
N LYS A 849 -2.82 -4.66 17.45
CA LYS A 849 -2.13 -3.90 18.48
C LYS A 849 -2.27 -2.41 18.17
N VAL A 850 -2.88 -1.67 19.08
CA VAL A 850 -3.16 -0.25 18.88
C VAL A 850 -2.18 0.57 19.71
N LYS A 851 -1.64 1.62 19.10
CA LYS A 851 -0.75 2.56 19.77
C LYS A 851 -1.24 3.97 19.47
N VAL A 852 -1.00 4.87 20.42
CA VAL A 852 -1.34 6.29 20.26
C VAL A 852 -0.13 7.11 20.67
N GLY A 853 -0.10 8.34 20.17
CA GLY A 853 0.98 9.25 20.49
C GLY A 853 0.82 10.63 19.90
N PRO A 854 1.70 11.54 20.30
CA PRO A 854 1.69 12.88 19.70
C PRO A 854 2.32 12.94 18.31
N SER A 855 2.90 11.84 17.84
CA SER A 855 3.56 11.82 16.54
C SER A 855 3.63 10.38 16.06
N TRP A 856 3.90 10.21 14.76
CA TRP A 856 4.10 8.88 14.22
C TRP A 856 5.36 8.23 14.80
N GLY A 857 6.42 9.00 14.98
CA GLY A 857 7.63 8.48 15.58
C GLY A 857 7.60 8.42 17.09
N ASN A 858 6.54 8.90 17.72
CA ASN A 858 6.38 8.86 19.18
C ASN A 858 4.99 8.29 19.47
N LEU A 859 4.92 6.96 19.58
CA LEU A 859 3.68 6.25 19.84
C LEU A 859 3.86 5.35 21.05
N GLN A 860 2.83 5.31 21.91
CA GLN A 860 2.83 4.46 23.08
C GLN A 860 1.70 3.46 22.98
N ASP A 861 1.95 2.25 23.49
CA ASP A 861 0.96 1.19 23.42
C ASP A 861 -0.29 1.57 24.19
N LEU A 862 -1.45 1.39 23.56
CA LEU A 862 -2.74 1.70 24.17
C LEU A 862 -3.46 0.37 24.43
N ASP A 863 -3.20 -0.20 25.60
CA ASP A 863 -3.88 -1.42 26.00
C ASP A 863 -5.33 -1.11 26.36
N LEU A 864 -6.23 -1.26 25.40
CA LEU A 864 -7.62 -0.88 25.59
C LEU A 864 -8.55 -2.07 25.46
P 2DA C 21 8.79 -1.60 8.59
OP1 2DA C 21 8.47 -0.91 9.89
OP2 2DA C 21 10.11 -2.32 8.72
O5' 2DA C 21 7.61 -2.68 8.23
C5' 2DA C 21 6.37 -2.20 7.76
C4' 2DA C 21 5.84 -3.14 6.68
O4' 2DA C 21 6.99 -3.42 5.58
C3' 2DA C 21 5.56 -4.27 7.20
C2' 2DA C 21 5.83 -5.28 6.09
C1' 2DA C 21 6.80 -4.60 5.12
N9 2DA C 21 8.09 -5.34 5.09
C8 2DA C 21 9.06 -4.98 5.91
N7 2DA C 21 10.08 -5.81 5.67
C5 2DA C 21 9.72 -6.64 4.67
C6 2DA C 21 10.38 -7.67 4.03
N6 2DA C 21 11.70 -8.20 4.21
N1 2DA C 21 9.78 -8.35 3.07
C2 2DA C 21 8.51 -8.05 2.71
N3 2DA C 21 7.86 -7.03 3.33
C4 2DA C 21 8.47 -6.34 4.31
PG DGT D . 4.34 -8.34 14.26
O1G DGT D . 3.65 -7.21 13.72
O2G DGT D . 3.65 -8.99 15.31
O3G DGT D . 5.69 -8.18 14.48
O3B DGT D . 4.15 -9.22 13.01
PB DGT D . 3.54 -8.96 11.56
O1B DGT D . 3.46 -10.19 10.85
O2B DGT D . 2.42 -8.01 11.64
O3A DGT D . 4.71 -8.25 10.76
PA DGT D . 5.16 -6.93 9.99
O1A DGT D . 6.59 -7.13 9.87
O2A DGT D . 4.96 -5.69 10.74
O5' DGT D . 4.46 -6.84 8.57
C5' DGT D . 3.26 -7.42 8.05
C4' DGT D . 3.54 -8.50 7.04
O4' DGT D . 4.75 -8.22 6.29
C3' DGT D . 3.88 -9.85 7.63
O3' DGT D . 2.69 -10.50 7.98
C2' DGT D . 4.60 -10.53 6.48
C1' DGT D . 5.30 -9.42 5.76
N9 DGT D . 6.72 -9.45 6.00
C8 DGT D . 7.32 -8.75 6.99
N7 DGT D . 8.59 -9.01 7.09
C5 DGT D . 8.82 -9.99 6.15
C6 DGT D . 9.99 -10.67 5.81
O6 DGT D . 11.09 -10.58 6.35
N1 DGT D . 9.79 -11.62 4.85
C2 DGT D . 8.63 -11.81 4.19
N2 DGT D . 8.65 -12.75 3.25
N3 DGT D . 7.51 -11.17 4.46
C4 DGT D . 7.67 -10.28 5.46
MG MG E . 2.85 -6.26 12.27
#